data_5N1E
#
_entry.id   5N1E
#
_cell.length_a   58.594
_cell.length_b   72.454
_cell.length_c   108.428
_cell.angle_alpha   90.00
_cell.angle_beta   90.00
_cell.angle_gamma   90.00
#
_symmetry.space_group_name_H-M   'P 21 21 21'
#
loop_
_entity.id
_entity.type
_entity.pdbx_description
1 polymer 'cAMP-dependent protein kinase catalytic subunit alpha'
2 polymer 'cAMP-dependent protein kinase inhibitor'
3 non-polymer (4S)-2-METHYL-2,4-PENTANEDIOL
4 non-polymer ~{N}-(1,3-benzodioxol-5-yl)-2-piperidin-1-ium-1-yl-ethanamide
5 non-polymer 'DIMETHYL SULFOXIDE'
6 water water
#
loop_
_entity_poly.entity_id
_entity_poly.type
_entity_poly.pdbx_seq_one_letter_code
_entity_poly.pdbx_strand_id
1 'polypeptide(L)'
;GHMGNAAAAKKG(SEP)EQESVKEFLAKAKEEFLKKWESPSQNTAQLDHFDRIKTLGTGSFGRVMLVKHKETGNHYAMKI
LDKQKVVKLKQIEHTLNEKRILQAVNFPFLVKLEFSFKDNSNLYMVMEYVPGGEMFSHLRRIGRFSEPHARFYAAQIVLT
FEYLHSLDLIYRDLKPENLLIDQQGYIQVTDFGFAKRVKGRTW(TPO)LCGTPEYLAPEIILSKGYNKAVDWWALGVLIY
EMAAGYPPFFADQPIQIYEKIVSGKVRFPSHFSSDLKDLLRNLLQVDLTKRFGNLKNGVNDIKNHKWFATTDWIAIYQRK
VEAPFIPKFKGPGDTSNFDDYEEEEIRV(SEP)INEKCGKEFTEF
;
A
2 'polypeptide(L)' IAAGRTGRRQAIHDILVAA B
#
# COMPACT_ATOMS: atom_id res chain seq x y z
N GLY A 1 -32.25 -17.86 3.95
CA GLY A 1 -31.21 -16.97 3.38
C GLY A 1 -29.91 -17.73 3.24
N HIS A 2 -28.82 -17.01 2.93
CA HIS A 2 -27.53 -17.67 2.82
C HIS A 2 -27.00 -18.09 4.19
N MET A 3 -27.25 -17.30 5.24
CA MET A 3 -26.80 -17.64 6.58
C MET A 3 -27.96 -18.15 7.41
N GLY A 4 -27.67 -19.13 8.29
CA GLY A 4 -28.61 -19.50 9.31
C GLY A 4 -28.64 -18.48 10.43
N ASN A 5 -29.54 -18.73 11.39
CA ASN A 5 -29.73 -17.80 12.51
C ASN A 5 -28.41 -17.53 13.25
N ALA A 6 -27.69 -18.60 13.60
CA ALA A 6 -26.48 -18.45 14.42
C ALA A 6 -25.37 -17.75 13.66
N ALA A 7 -25.24 -18.05 12.37
CA ALA A 7 -24.21 -17.41 11.54
C ALA A 7 -24.48 -15.92 11.40
N ALA A 8 -25.75 -15.55 11.22
CA ALA A 8 -26.13 -14.15 11.05
C ALA A 8 -25.88 -13.36 12.33
N ALA A 9 -26.29 -13.91 13.46
CA ALA A 9 -26.04 -13.26 14.76
C ALA A 9 -24.55 -13.06 14.99
N LYS A 10 -23.74 -14.08 14.69
CA LYS A 10 -22.31 -13.96 14.87
C LYS A 10 -21.75 -12.83 14.02
N LYS A 11 -22.25 -12.69 12.78
CA LYS A 11 -21.76 -11.65 11.89
C LYS A 11 -22.15 -10.25 12.37
N GLY A 12 -23.39 -10.07 12.81
CA GLY A 12 -23.81 -8.79 13.36
C GLY A 12 -23.00 -8.36 14.58
N GLU A 14 -20.10 -9.28 15.22
CA GLU A 14 -18.78 -8.99 14.69
C GLU A 14 -18.75 -7.53 14.17
N GLN A 15 -19.86 -7.09 13.59
CA GLN A 15 -19.91 -5.74 13.01
C GLN A 15 -20.00 -4.65 14.09
N GLU A 16 -20.73 -4.89 15.17
CA GLU A 16 -20.68 -3.97 16.30
C GLU A 16 -19.26 -3.87 16.88
N SER A 17 -18.55 -4.98 16.94
CA SER A 17 -17.19 -4.95 17.45
C SER A 17 -16.25 -4.17 16.53
N VAL A 18 -16.47 -4.26 15.22
CA VAL A 18 -15.65 -3.44 14.32
C VAL A 18 -15.85 -1.96 14.61
N LYS A 19 -17.10 -1.56 14.77
CA LYS A 19 -17.42 -0.18 15.08
C LYS A 19 -16.71 0.28 16.34
N GLU A 20 -16.73 -0.57 17.38
CA GLU A 20 -16.07 -0.26 18.64
C GLU A 20 -14.56 -0.10 18.45
N PHE A 21 -13.95 -1.01 17.70
CA PHE A 21 -12.52 -0.92 17.44
C PHE A 21 -12.17 0.37 16.71
N LEU A 22 -12.93 0.67 15.67
CA LEU A 22 -12.60 1.81 14.85
C LEU A 22 -12.80 3.11 15.60
N ALA A 23 -13.74 3.13 16.54
CA ALA A 23 -13.93 4.36 17.30
C ALA A 23 -12.73 4.59 18.19
N LYS A 24 -12.18 3.53 18.80
CA LYS A 24 -10.99 3.70 19.63
C LYS A 24 -9.78 4.05 18.78
N ALA A 25 -9.69 3.45 17.58
CA ALA A 25 -8.57 3.72 16.70
C ALA A 25 -8.56 5.18 16.26
N LYS A 26 -9.73 5.77 16.06
CA LYS A 26 -9.80 7.15 15.64
C LYS A 26 -9.37 8.07 16.77
N GLU A 27 -9.78 7.76 18.00
CA GLU A 27 -9.34 8.57 19.13
C GLU A 27 -7.82 8.58 19.21
N GLU A 28 -7.20 7.39 19.08
CA GLU A 28 -5.75 7.29 19.19
C GLU A 28 -5.05 8.02 18.05
N PHE A 29 -5.55 7.83 16.82
CA PHE A 29 -4.99 8.53 15.67
C PHE A 29 -5.03 10.03 15.84
N LEU A 30 -6.18 10.56 16.25
CA LEU A 30 -6.31 12.02 16.32
C LEU A 30 -5.33 12.63 17.30
N LYS A 31 -5.02 11.92 18.40
CA LYS A 31 -4.06 12.47 19.35
C LYS A 31 -2.70 12.68 18.69
N LYS A 32 -2.24 11.68 17.93
CA LYS A 32 -0.96 11.81 17.25
C LYS A 32 -1.03 12.73 16.04
N TRP A 33 -2.19 12.80 15.39
CA TRP A 33 -2.31 13.61 14.20
C TRP A 33 -2.19 15.09 14.53
N GLU A 34 -2.74 15.49 15.67
CA GLU A 34 -2.68 16.89 16.06
C GLU A 34 -1.34 17.27 16.67
N SER A 35 -0.55 16.30 17.11
CA SER A 35 0.70 16.54 17.84
C SER A 35 1.83 15.67 17.27
N PRO A 36 2.29 15.97 16.06
CA PRO A 36 3.34 15.11 15.49
C PRO A 36 4.70 15.31 16.16
N THR A 40 13.74 13.55 15.63
CA THR A 40 13.91 12.49 16.61
C THR A 40 15.20 11.68 16.36
N ALA A 41 16.06 12.11 15.44
CA ALA A 41 17.36 11.47 15.25
C ALA A 41 18.23 12.32 14.33
N GLN A 42 19.39 11.77 13.94
CA GLN A 42 20.37 12.49 13.14
C GLN A 42 21.09 11.49 12.23
N LEU A 43 21.61 11.98 11.11
CA LEU A 43 22.13 11.08 10.08
C LEU A 43 23.35 10.30 10.57
N ASP A 44 24.24 10.95 11.31
CA ASP A 44 25.44 10.24 11.74
C ASP A 44 25.18 9.27 12.88
N HIS A 45 23.91 9.08 13.25
CA HIS A 45 23.52 8.04 14.19
C HIS A 45 23.40 6.67 13.55
N PHE A 46 23.55 6.58 12.22
CA PHE A 46 23.32 5.33 11.52
C PHE A 46 24.47 5.06 10.55
N ASP A 47 24.82 3.79 10.42
CA ASP A 47 25.68 3.33 9.34
C ASP A 47 24.81 2.92 8.17
N ARG A 48 25.18 3.36 6.97
CA ARG A 48 24.38 3.01 5.79
C ARG A 48 24.96 1.76 5.17
N ILE A 49 24.09 0.79 4.88
CA ILE A 49 24.53 -0.55 4.50
C ILE A 49 24.29 -0.83 3.04
N LYS A 50 23.05 -0.67 2.56
CA LYS A 50 22.73 -1.13 1.21
C LYS A 50 21.45 -0.45 0.76
N THR A 51 21.37 -0.10 -0.52
CA THR A 51 20.12 0.40 -1.08
C THR A 51 19.14 -0.75 -1.33
N LEU A 52 17.92 -0.59 -0.81
CA LEU A 52 16.87 -1.61 -0.94
C LEU A 52 15.88 -1.32 -2.04
N GLY A 53 15.81 -0.09 -2.47
CA GLY A 53 14.91 0.29 -3.55
C GLY A 53 15.16 1.74 -3.86
N THR A 54 14.67 2.16 -5.03
CA THR A 54 14.90 3.52 -5.51
C THR A 54 13.63 4.06 -6.11
N GLY A 55 13.43 5.36 -5.99
CA GLY A 55 12.23 5.98 -6.50
C GLY A 55 12.44 7.37 -7.06
N SER A 56 11.36 8.15 -7.06
CA SER A 56 11.36 9.44 -7.74
C SER A 56 12.43 10.35 -7.18
N PHE A 57 12.51 10.42 -5.85
CA PHE A 57 13.22 11.48 -5.16
C PHE A 57 14.43 10.98 -4.39
N GLY A 58 14.75 9.69 -4.49
CA GLY A 58 15.84 9.15 -3.71
C GLY A 58 15.80 7.64 -3.60
N ARG A 59 15.99 7.14 -2.38
CA ARG A 59 16.17 5.72 -2.23
C ARG A 59 15.78 5.32 -0.81
N VAL A 60 15.60 4.02 -0.63
CA VAL A 60 15.43 3.46 0.68
C VAL A 60 16.66 2.62 0.94
N MET A 61 17.33 2.84 2.07
CA MET A 61 18.52 2.11 2.42
C MET A 61 18.34 1.31 3.71
N LEU A 62 18.92 0.13 3.74
CA LEU A 62 19.15 -0.52 5.02
C LEU A 62 20.20 0.27 5.77
N VAL A 63 19.91 0.60 7.03
CA VAL A 63 20.84 1.29 7.89
C VAL A 63 20.90 0.56 9.21
N LYS A 64 22.00 0.76 9.94
CA LYS A 64 22.17 0.18 11.26
C LYS A 64 22.42 1.31 12.26
N HIS A 65 21.59 1.34 13.30
CA HIS A 65 21.74 2.34 14.36
C HIS A 65 22.99 2.02 15.16
N LYS A 66 23.87 3.02 15.29
CA LYS A 66 25.19 2.75 15.84
C LYS A 66 25.13 2.35 17.32
N GLU A 67 24.34 3.06 18.12
CA GLU A 67 24.32 2.79 19.56
C GLU A 67 23.64 1.46 19.86
N THR A 68 22.46 1.22 19.29
CA THR A 68 21.67 0.04 19.61
C THR A 68 21.99 -1.16 18.72
N GLY A 69 22.51 -0.93 17.52
CA GLY A 69 22.73 -2.00 16.58
C GLY A 69 21.48 -2.47 15.86
N ASN A 70 20.33 -1.85 16.11
CA ASN A 70 19.09 -2.22 15.44
C ASN A 70 19.16 -1.77 13.99
N HIS A 71 18.59 -2.60 13.12
CA HIS A 71 18.52 -2.26 11.71
C HIS A 71 17.20 -1.58 11.40
N TYR A 72 17.24 -0.69 10.40
CA TYR A 72 16.08 0.09 9.97
C TYR A 72 16.15 0.29 8.47
N ALA A 73 15.00 0.59 7.88
CA ALA A 73 14.91 1.10 6.52
C ALA A 73 14.80 2.62 6.55
N MET A 74 15.72 3.32 5.88
CA MET A 74 15.76 4.77 5.84
C MET A 74 15.38 5.27 4.45
N LYS A 75 14.27 5.98 4.35
CA LYS A 75 13.88 6.60 3.10
C LYS A 75 14.51 7.99 3.09
N ILE A 76 15.28 8.26 2.03
CA ILE A 76 16.01 9.50 1.83
C ILE A 76 15.37 10.21 0.65
N LEU A 77 14.91 11.43 0.87
CA LEU A 77 14.37 12.26 -0.20
C LEU A 77 15.27 13.48 -0.39
N ASP A 78 15.71 13.67 -1.62
CA ASP A 78 16.49 14.84 -1.99
C ASP A 78 15.55 16.04 -2.12
N LYS A 79 15.70 17.03 -1.23
CA LYS A 79 14.73 18.12 -1.21
C LYS A 79 14.65 18.81 -2.55
N GLN A 80 15.80 18.92 -3.25
CA GLN A 80 15.90 19.56 -4.55
C GLN A 80 15.39 18.71 -5.70
N LYS A 81 15.09 17.43 -5.48
CA LYS A 81 14.28 16.68 -6.43
C LYS A 81 12.80 16.79 -6.12
N VAL A 82 12.42 17.14 -4.89
CA VAL A 82 11.02 17.26 -4.52
C VAL A 82 10.61 18.68 -4.88
N VAL A 83 10.42 18.95 -6.17
CA VAL A 83 10.37 20.33 -6.66
C VAL A 83 8.94 20.76 -6.98
N LYS A 84 8.11 19.85 -7.52
CA LYS A 84 6.77 20.20 -7.96
C LYS A 84 5.84 20.34 -6.77
N LEU A 85 4.81 21.18 -6.94
CA LEU A 85 3.95 21.52 -5.82
C LEU A 85 3.35 20.28 -5.16
N LYS A 86 2.81 19.37 -5.96
N LYS A 86 2.80 19.37 -5.96
CA LYS A 86 2.17 18.22 -5.32
CA LYS A 86 2.17 18.21 -5.34
C LYS A 86 3.20 17.22 -4.82
C LYS A 86 3.20 17.23 -4.81
N GLN A 87 4.42 17.23 -5.34
CA GLN A 87 5.48 16.41 -4.74
C GLN A 87 5.76 16.87 -3.30
N ILE A 88 5.81 18.19 -3.05
CA ILE A 88 6.08 18.75 -1.72
C ILE A 88 4.95 18.38 -0.73
N GLU A 89 3.71 18.71 -1.08
CA GLU A 89 2.57 18.45 -0.21
C GLU A 89 2.47 16.96 0.13
N HIS A 90 2.72 16.12 -0.87
CA HIS A 90 2.66 14.68 -0.67
C HIS A 90 3.69 14.19 0.35
N THR A 91 4.87 14.82 0.37
N THR A 91 4.89 14.79 0.35
CA THR A 91 5.91 14.43 1.31
CA THR A 91 5.90 14.39 1.32
C THR A 91 5.51 14.76 2.73
C THR A 91 5.47 14.74 2.73
N LEU A 92 4.85 15.90 2.91
CA LEU A 92 4.37 16.27 4.24
C LEU A 92 3.22 15.36 4.68
N ASN A 93 2.30 15.01 3.77
CA ASN A 93 1.27 14.02 4.04
C ASN A 93 1.90 12.74 4.57
N GLU A 94 2.89 12.24 3.85
CA GLU A 94 3.45 10.94 4.16
C GLU A 94 3.95 10.89 5.59
N LYS A 95 4.80 11.86 5.96
CA LYS A 95 5.37 11.86 7.30
C LYS A 95 4.31 12.00 8.37
N ARG A 96 3.36 12.90 8.17
CA ARG A 96 2.37 13.14 9.20
C ARG A 96 1.47 11.93 9.40
N ILE A 97 1.10 11.26 8.30
CA ILE A 97 0.24 10.10 8.42
C ILE A 97 0.99 8.95 9.08
N LEU A 98 2.22 8.70 8.63
CA LEU A 98 2.95 7.57 9.18
C LEU A 98 3.20 7.70 10.67
N GLN A 99 3.45 8.93 11.13
CA GLN A 99 3.70 9.07 12.56
C GLN A 99 2.44 8.90 13.39
N ALA A 100 1.25 8.97 12.77
CA ALA A 100 -0.01 8.91 13.51
C ALA A 100 -0.74 7.56 13.46
N VAL A 101 -0.49 6.72 12.47
CA VAL A 101 -1.23 5.47 12.34
C VAL A 101 -0.60 4.38 13.19
N ASN A 102 -1.38 3.32 13.39
CA ASN A 102 -0.96 2.15 14.16
C ASN A 102 -1.88 1.00 13.77
N PHE A 103 -1.33 0.03 13.05
CA PHE A 103 -2.11 -1.11 12.58
C PHE A 103 -1.11 -2.23 12.26
N PRO A 104 -1.52 -3.50 12.40
CA PRO A 104 -0.51 -4.57 12.32
C PRO A 104 0.12 -4.72 10.95
N PHE A 105 -0.53 -4.20 9.91
CA PHE A 105 -0.04 -4.38 8.54
C PHE A 105 0.50 -3.08 7.96
N LEU A 106 0.81 -2.10 8.79
CA LEU A 106 1.38 -0.83 8.37
C LEU A 106 2.77 -0.71 8.96
N VAL A 107 3.74 -0.36 8.12
CA VAL A 107 5.11 -0.20 8.64
C VAL A 107 5.16 0.87 9.73
N LYS A 108 6.03 0.65 10.70
CA LYS A 108 6.16 1.56 11.85
C LYS A 108 7.30 2.54 11.63
N LEU A 109 6.98 3.83 11.67
CA LEU A 109 7.99 4.87 11.59
C LEU A 109 8.62 5.07 12.96
N GLU A 110 9.95 5.08 13.01
CA GLU A 110 10.70 5.18 14.25
C GLU A 110 11.35 6.55 14.43
N PHE A 111 11.87 7.16 13.37
CA PHE A 111 12.48 8.47 13.45
C PHE A 111 12.19 9.23 12.16
N SER A 112 12.21 10.56 12.24
CA SER A 112 12.25 11.39 11.05
C SER A 112 13.10 12.60 11.36
N PHE A 113 13.81 13.11 10.35
CA PHE A 113 14.63 14.31 10.50
C PHE A 113 14.97 14.85 9.11
N LYS A 114 15.59 16.04 9.08
CA LYS A 114 16.00 16.64 7.82
C LYS A 114 17.34 17.33 8.01
N ASP A 115 18.01 17.62 6.90
CA ASP A 115 19.24 18.41 6.94
C ASP A 115 19.23 19.39 5.77
N ASN A 116 20.39 19.96 5.44
CA ASN A 116 20.44 20.96 4.37
C ASN A 116 19.95 20.41 3.05
N SER A 117 20.15 19.11 2.79
CA SER A 117 19.88 18.56 1.47
C SER A 117 18.69 17.62 1.40
N ASN A 118 18.45 16.86 2.45
CA ASN A 118 17.54 15.72 2.37
C ASN A 118 16.51 15.73 3.49
N LEU A 119 15.43 14.97 3.25
CA LEU A 119 14.48 14.56 4.27
C LEU A 119 14.70 13.08 4.53
N TYR A 120 14.47 12.66 5.78
CA TYR A 120 14.73 11.28 6.18
C TYR A 120 13.56 10.71 6.99
N MET A 121 13.17 9.49 6.67
CA MET A 121 12.17 8.76 7.43
C MET A 121 12.73 7.37 7.68
N VAL A 122 12.80 6.99 8.95
CA VAL A 122 13.48 5.77 9.39
C VAL A 122 12.41 4.86 9.94
N MET A 123 12.26 3.69 9.33
N MET A 123 12.21 3.72 9.27
CA MET A 123 11.18 2.77 9.62
CA MET A 123 11.13 2.76 9.51
C MET A 123 11.74 1.44 10.05
C MET A 123 11.70 1.41 9.96
N GLU A 124 10.88 0.64 10.64
CA GLU A 124 11.25 -0.73 10.99
C GLU A 124 11.64 -1.47 9.72
N TYR A 125 12.75 -2.21 9.77
CA TYR A 125 13.18 -2.98 8.61
C TYR A 125 12.38 -4.27 8.49
N VAL A 126 11.86 -4.53 7.30
CA VAL A 126 11.04 -5.71 7.02
C VAL A 126 11.85 -6.55 6.04
N PRO A 127 12.50 -7.63 6.48
CA PRO A 127 13.55 -8.26 5.67
C PRO A 127 13.05 -9.25 4.63
N GLY A 128 11.76 -9.56 4.60
CA GLY A 128 11.31 -10.61 3.73
C GLY A 128 11.18 -10.24 2.28
N GLY A 129 11.39 -8.96 1.92
CA GLY A 129 11.34 -8.52 0.55
C GLY A 129 9.93 -8.06 0.13
N GLU A 130 9.87 -7.46 -1.06
CA GLU A 130 8.62 -7.00 -1.66
C GLU A 130 7.79 -8.16 -2.21
N MET A 131 6.49 -8.09 -2.00
CA MET A 131 5.60 -9.02 -2.69
C MET A 131 5.95 -9.09 -4.18
N PHE A 132 6.24 -7.93 -4.75
CA PHE A 132 6.56 -7.82 -6.17
C PHE A 132 7.56 -8.88 -6.63
N SER A 133 8.70 -9.03 -5.96
N SER A 133 8.71 -8.97 -5.94
CA SER A 133 9.69 -9.93 -6.51
CA SER A 133 9.77 -9.91 -6.30
C SER A 133 9.34 -11.39 -6.26
C SER A 133 9.24 -11.32 -6.28
N HIS A 134 8.67 -11.70 -5.14
CA HIS A 134 8.17 -13.08 -4.94
C HIS A 134 7.15 -13.43 -6.02
N LEU A 135 6.23 -12.51 -6.32
CA LEU A 135 5.22 -12.74 -7.33
C LEU A 135 5.84 -12.93 -8.72
N ARG A 136 6.77 -12.05 -9.11
CA ARG A 136 7.40 -12.20 -10.42
C ARG A 136 8.20 -13.49 -10.53
N ARG A 137 8.79 -13.93 -9.42
CA ARG A 137 9.62 -15.12 -9.43
C ARG A 137 8.77 -16.38 -9.58
N ILE A 138 7.64 -16.47 -8.84
CA ILE A 138 6.79 -17.67 -8.92
C ILE A 138 5.79 -17.62 -10.07
N GLY A 139 5.49 -16.43 -10.60
CA GLY A 139 4.50 -16.27 -11.66
C GLY A 139 3.20 -15.73 -11.13
N ARG A 140 2.47 -16.57 -10.39
N ARG A 140 2.45 -16.59 -10.44
CA ARG A 140 1.20 -16.16 -9.82
CA ARG A 140 1.20 -16.19 -9.82
C ARG A 140 0.97 -16.96 -8.54
C ARG A 140 1.06 -16.90 -8.48
N PHE A 141 0.18 -16.37 -7.65
CA PHE A 141 -0.18 -17.01 -6.39
C PHE A 141 -1.48 -17.79 -6.57
N SER A 142 -1.61 -18.88 -5.81
CA SER A 142 -2.88 -19.59 -5.77
C SER A 142 -3.96 -18.69 -5.19
N GLU A 143 -5.24 -19.05 -5.42
CA GLU A 143 -6.30 -18.22 -4.89
C GLU A 143 -6.29 -18.19 -3.37
N PRO A 144 -6.05 -19.30 -2.65
CA PRO A 144 -5.95 -19.18 -1.18
C PRO A 144 -4.83 -18.27 -0.73
N HIS A 145 -3.71 -18.26 -1.43
N HIS A 145 -3.69 -18.31 -1.43
CA HIS A 145 -2.61 -17.40 -0.99
CA HIS A 145 -2.54 -17.47 -1.12
C HIS A 145 -2.86 -15.94 -1.35
C HIS A 145 -2.86 -15.99 -1.37
N ALA A 146 -3.40 -15.68 -2.56
CA ALA A 146 -3.83 -14.34 -2.87
C ALA A 146 -4.85 -13.83 -1.87
N ARG A 147 -5.77 -14.71 -1.46
CA ARG A 147 -6.83 -14.32 -0.53
C ARG A 147 -6.27 -13.91 0.83
N PHE A 148 -5.29 -14.66 1.31
CA PHE A 148 -4.65 -14.32 2.57
C PHE A 148 -4.06 -12.92 2.55
N TYR A 149 -3.35 -12.57 1.47
CA TYR A 149 -2.80 -11.23 1.36
C TYR A 149 -3.91 -10.20 1.17
N ALA A 150 -4.89 -10.50 0.32
CA ALA A 150 -5.97 -9.57 0.08
C ALA A 150 -6.73 -9.22 1.36
N ALA A 151 -6.96 -10.22 2.23
CA ALA A 151 -7.70 -9.97 3.48
C ALA A 151 -6.98 -8.93 4.32
N GLN A 152 -5.66 -8.96 4.31
CA GLN A 152 -4.91 -7.97 5.07
C GLN A 152 -5.09 -6.59 4.50
N ILE A 153 -5.09 -6.46 3.14
CA ILE A 153 -5.32 -5.16 2.54
C ILE A 153 -6.73 -4.66 2.84
N VAL A 154 -7.74 -5.55 2.80
CA VAL A 154 -9.10 -5.13 3.11
C VAL A 154 -9.17 -4.54 4.51
N LEU A 155 -8.59 -5.23 5.48
CA LEU A 155 -8.61 -4.71 6.84
C LEU A 155 -7.83 -3.41 6.98
N THR A 156 -6.69 -3.31 6.28
CA THR A 156 -5.90 -2.09 6.35
C THR A 156 -6.64 -0.91 5.75
N PHE A 157 -7.35 -1.12 4.64
CA PHE A 157 -8.13 -0.04 4.04
C PHE A 157 -9.35 0.29 4.89
N GLU A 158 -9.97 -0.71 5.52
CA GLU A 158 -11.06 -0.38 6.44
C GLU A 158 -10.57 0.53 7.56
N TYR A 159 -9.40 0.23 8.10
CA TYR A 159 -8.77 1.07 9.12
C TYR A 159 -8.49 2.46 8.57
N LEU A 160 -7.72 2.52 7.49
CA LEU A 160 -7.32 3.83 6.94
C LEU A 160 -8.55 4.66 6.58
N HIS A 161 -9.53 4.06 5.89
CA HIS A 161 -10.67 4.85 5.42
C HIS A 161 -11.49 5.38 6.60
N SER A 162 -11.53 4.63 7.71
CA SER A 162 -12.28 5.07 8.88
C SER A 162 -11.67 6.35 9.47
N LEU A 163 -10.37 6.58 9.22
CA LEU A 163 -9.64 7.76 9.62
C LEU A 163 -9.66 8.85 8.56
N ASP A 164 -10.48 8.66 7.53
CA ASP A 164 -10.54 9.55 6.33
C ASP A 164 -9.22 9.61 5.60
N LEU A 165 -8.46 8.52 5.64
CA LEU A 165 -7.23 8.42 4.87
C LEU A 165 -7.45 7.58 3.61
N ILE A 166 -7.01 8.13 2.47
CA ILE A 166 -6.96 7.38 1.21
C ILE A 166 -5.49 7.02 0.96
N TYR A 167 -5.23 5.81 0.46
CA TYR A 167 -3.84 5.32 0.33
C TYR A 167 -3.24 5.66 -1.03
N ARG A 168 -3.93 5.34 -2.11
CA ARG A 168 -3.66 5.83 -3.47
C ARG A 168 -2.43 5.26 -4.15
N ASP A 169 -1.74 4.28 -3.60
CA ASP A 169 -0.64 3.66 -4.35
C ASP A 169 -0.52 2.18 -4.04
N LEU A 170 -1.65 1.46 -3.95
CA LEU A 170 -1.56 0.01 -3.78
C LEU A 170 -0.95 -0.65 -5.01
N LYS A 171 0.00 -1.54 -4.76
N LYS A 171 0.01 -1.54 -4.78
CA LYS A 171 0.58 -2.44 -5.75
CA LYS A 171 0.70 -2.35 -5.80
C LYS A 171 1.62 -3.32 -5.07
C LYS A 171 1.66 -3.29 -5.07
N PRO A 172 2.04 -4.42 -5.70
CA PRO A 172 2.96 -5.34 -5.01
C PRO A 172 4.32 -4.76 -4.64
N GLU A 173 4.78 -3.73 -5.33
CA GLU A 173 6.03 -3.08 -5.00
C GLU A 173 6.01 -2.47 -3.60
N ASN A 174 4.83 -2.12 -3.10
CA ASN A 174 4.67 -1.39 -1.85
C ASN A 174 4.30 -2.29 -0.70
N LEU A 175 4.25 -3.61 -0.92
CA LEU A 175 3.83 -4.57 0.09
C LEU A 175 5.02 -5.44 0.45
N LEU A 176 5.50 -5.29 1.68
CA LEU A 176 6.62 -6.07 2.15
C LEU A 176 6.14 -7.28 2.94
N ILE A 177 6.90 -8.36 2.89
CA ILE A 177 6.54 -9.59 3.60
C ILE A 177 7.42 -9.68 4.83
N ASP A 178 6.78 -9.80 6.00
CA ASP A 178 7.53 -9.81 7.25
C ASP A 178 7.93 -11.24 7.63
N GLN A 179 8.58 -11.36 8.79
CA GLN A 179 9.12 -12.66 9.18
C GLN A 179 8.06 -13.69 9.52
N GLN A 180 6.80 -13.30 9.70
CA GLN A 180 5.71 -14.24 9.90
C GLN A 180 4.92 -14.49 8.60
N GLY A 181 5.38 -13.94 7.48
CA GLY A 181 4.68 -14.06 6.20
C GLY A 181 3.49 -13.15 6.01
N TYR A 182 3.31 -12.18 6.89
CA TYR A 182 2.25 -11.21 6.74
C TYR A 182 2.76 -9.97 6.02
N ILE A 183 1.83 -9.14 5.58
CA ILE A 183 2.14 -7.93 4.83
C ILE A 183 2.41 -6.75 5.75
N GLN A 184 3.35 -5.91 5.33
CA GLN A 184 3.55 -4.57 5.85
C GLN A 184 3.49 -3.59 4.68
N VAL A 185 2.53 -2.68 4.70
CA VAL A 185 2.41 -1.66 3.67
C VAL A 185 3.45 -0.60 3.98
N THR A 186 4.25 -0.29 2.97
CA THR A 186 5.15 0.80 3.08
C THR A 186 4.75 1.84 2.04
N ASP A 187 5.40 2.91 2.21
CA ASP A 187 5.34 4.04 1.36
C ASP A 187 3.97 4.65 1.41
N PHE A 188 3.92 5.78 2.08
CA PHE A 188 2.70 6.55 2.20
C PHE A 188 2.81 7.85 1.44
N GLY A 189 3.64 7.84 0.39
CA GLY A 189 3.89 9.05 -0.37
C GLY A 189 2.70 9.63 -1.09
N PHE A 190 1.65 8.84 -1.32
CA PHE A 190 0.46 9.33 -1.99
C PHE A 190 -0.74 9.35 -1.05
N ALA A 191 -0.57 8.97 0.21
CA ALA A 191 -1.69 8.93 1.13
C ALA A 191 -2.10 10.34 1.55
N LYS A 192 -3.41 10.49 1.83
CA LYS A 192 -3.93 11.81 2.12
C LYS A 192 -5.17 11.70 3.01
N ARG A 193 -5.28 12.62 3.95
CA ARG A 193 -6.52 12.75 4.70
C ARG A 193 -7.51 13.59 3.88
N VAL A 194 -8.67 12.99 3.58
CA VAL A 194 -9.65 13.51 2.63
C VAL A 194 -11.02 13.28 3.24
N LYS A 195 -11.78 14.35 3.49
CA LYS A 195 -13.08 14.11 4.08
C LYS A 195 -14.10 13.63 3.04
N GLY A 196 -14.06 14.18 1.86
CA GLY A 196 -14.92 13.77 0.75
C GLY A 196 -14.15 13.50 -0.53
N ARG A 197 -14.07 14.51 -1.40
CA ARG A 197 -13.35 14.36 -2.66
C ARG A 197 -11.97 14.99 -2.61
N THR A 198 -11.13 14.52 -3.53
CA THR A 198 -9.84 15.15 -3.79
C THR A 198 -9.60 15.07 -5.29
N TRP A 199 -8.63 15.85 -5.77
CA TRP A 199 -8.48 16.09 -7.21
C TRP A 199 -7.11 15.85 -7.82
N LEU A 201 -4.13 14.30 -9.76
CA LEU A 201 -3.92 13.19 -10.68
C LEU A 201 -2.63 12.48 -10.29
N CYS A 202 -2.71 11.41 -9.51
CA CYS A 202 -1.52 10.74 -9.03
C CYS A 202 -1.82 9.26 -8.81
N GLY A 203 -0.75 8.48 -8.78
CA GLY A 203 -0.79 7.06 -8.58
C GLY A 203 0.09 6.36 -9.61
N THR A 204 -0.10 5.04 -9.70
CA THR A 204 0.64 4.23 -10.66
C THR A 204 -0.28 3.80 -11.78
N PRO A 205 0.09 4.03 -13.06
CA PRO A 205 -0.85 3.83 -14.18
C PRO A 205 -1.74 2.57 -14.14
N GLU A 206 -1.14 1.39 -13.95
CA GLU A 206 -1.89 0.15 -13.99
C GLU A 206 -2.96 0.09 -12.90
N TYR A 207 -2.81 0.84 -11.82
CA TYR A 207 -3.66 0.76 -10.62
C TYR A 207 -4.62 1.92 -10.50
N LEU A 208 -4.62 2.86 -11.47
CA LEU A 208 -5.49 4.02 -11.39
C LEU A 208 -6.94 3.71 -11.69
N ALA A 209 -7.84 4.18 -10.84
CA ALA A 209 -9.25 4.09 -11.11
C ALA A 209 -9.63 4.98 -12.28
N PRO A 210 -10.70 4.63 -13.01
CA PRO A 210 -11.08 5.47 -14.17
C PRO A 210 -11.36 6.91 -13.83
N GLU A 211 -11.96 7.17 -12.67
CA GLU A 211 -12.29 8.54 -12.33
C GLU A 211 -11.02 9.39 -12.12
N ILE A 212 -9.90 8.79 -11.71
CA ILE A 212 -8.66 9.55 -11.63
C ILE A 212 -8.23 9.97 -13.02
N ILE A 213 -8.16 9.00 -13.93
CA ILE A 213 -7.73 9.22 -15.31
C ILE A 213 -8.60 10.28 -16.00
N LEU A 214 -9.88 10.28 -15.71
CA LEU A 214 -10.85 11.20 -16.31
C LEU A 214 -10.89 12.57 -15.61
N SER A 215 -9.96 12.86 -14.71
CA SER A 215 -9.86 14.20 -14.09
C SER A 215 -11.13 14.56 -13.36
N LYS A 216 -11.76 13.56 -12.75
CA LYS A 216 -12.92 13.77 -11.90
C LYS A 216 -12.47 13.80 -10.46
N GLY A 217 -13.11 14.64 -9.65
CA GLY A 217 -12.90 14.57 -8.22
C GLY A 217 -13.32 13.20 -7.73
N TYR A 218 -12.51 12.64 -6.85
CA TYR A 218 -12.69 11.23 -6.51
C TYR A 218 -12.53 11.05 -5.02
N ASN A 219 -12.88 9.85 -4.55
CA ASN A 219 -12.88 9.56 -3.13
C ASN A 219 -12.20 8.22 -2.82
N LYS A 220 -12.39 7.73 -1.60
CA LYS A 220 -11.72 6.53 -1.13
C LYS A 220 -12.05 5.28 -1.97
N ALA A 221 -13.08 5.33 -2.81
CA ALA A 221 -13.38 4.19 -3.66
C ALA A 221 -12.27 3.88 -4.66
N VAL A 222 -11.36 4.84 -4.91
CA VAL A 222 -10.24 4.49 -5.80
C VAL A 222 -9.38 3.41 -5.18
N ASP A 223 -9.34 3.32 -3.84
CA ASP A 223 -8.56 2.26 -3.21
C ASP A 223 -9.20 0.90 -3.42
N TRP A 224 -10.52 0.84 -3.46
CA TRP A 224 -11.17 -0.44 -3.69
C TRP A 224 -11.02 -0.91 -5.13
N TRP A 225 -11.04 0.03 -6.09
CA TRP A 225 -10.66 -0.32 -7.45
C TRP A 225 -9.26 -0.91 -7.47
N ALA A 226 -8.32 -0.24 -6.81
CA ALA A 226 -6.95 -0.72 -6.80
C ALA A 226 -6.82 -2.08 -6.15
N LEU A 227 -7.62 -2.36 -5.12
CA LEU A 227 -7.64 -3.72 -4.56
C LEU A 227 -8.02 -4.75 -5.62
N GLY A 228 -9.00 -4.42 -6.45
CA GLY A 228 -9.34 -5.31 -7.55
C GLY A 228 -8.17 -5.58 -8.48
N VAL A 229 -7.42 -4.52 -8.82
CA VAL A 229 -6.25 -4.69 -9.67
C VAL A 229 -5.22 -5.59 -8.98
N LEU A 230 -5.00 -5.37 -7.69
CA LEU A 230 -4.02 -6.14 -6.94
C LEU A 230 -4.41 -7.61 -6.87
N ILE A 231 -5.67 -7.89 -6.53
CA ILE A 231 -6.09 -9.29 -6.44
C ILE A 231 -5.94 -9.96 -7.80
N TYR A 232 -6.37 -9.28 -8.86
CA TYR A 232 -6.20 -9.83 -10.20
C TYR A 232 -4.73 -10.14 -10.47
N GLU A 233 -3.83 -9.18 -10.21
CA GLU A 233 -2.42 -9.39 -10.51
C GLU A 233 -1.83 -10.51 -9.66
N MET A 234 -2.21 -10.59 -8.38
CA MET A 234 -1.69 -11.68 -7.55
C MET A 234 -2.12 -13.04 -8.12
N ALA A 235 -3.38 -13.15 -8.54
CA ALA A 235 -3.92 -14.43 -8.97
C ALA A 235 -3.60 -14.78 -10.41
N ALA A 236 -3.33 -13.78 -11.26
CA ALA A 236 -3.02 -13.99 -12.67
C ALA A 236 -1.53 -13.95 -12.97
N GLY A 237 -0.80 -13.12 -12.23
CA GLY A 237 0.59 -12.84 -12.51
C GLY A 237 0.85 -11.60 -13.33
N TYR A 238 -0.20 -10.93 -13.77
CA TYR A 238 -0.15 -9.70 -14.52
C TYR A 238 -1.42 -8.94 -14.21
N PRO A 239 -1.42 -7.62 -14.33
CA PRO A 239 -2.61 -6.85 -13.98
C PRO A 239 -3.62 -6.84 -15.12
N PRO A 240 -4.84 -6.40 -14.84
CA PRO A 240 -5.94 -6.52 -15.82
C PRO A 240 -5.87 -5.54 -16.97
N PHE A 241 -5.15 -4.44 -16.81
CA PHE A 241 -5.02 -3.40 -17.83
C PHE A 241 -3.53 -3.27 -18.07
N PHE A 242 -3.05 -3.89 -19.14
CA PHE A 242 -1.66 -4.29 -19.30
C PHE A 242 -1.24 -3.86 -20.70
N ALA A 243 -0.29 -2.93 -20.78
CA ALA A 243 0.18 -2.40 -22.06
C ALA A 243 1.55 -1.74 -21.83
N ASP A 244 2.30 -1.55 -22.90
CA ASP A 244 3.67 -1.03 -22.75
C ASP A 244 3.71 0.45 -22.33
N GLN A 245 2.74 1.27 -22.74
CA GLN A 245 2.82 2.72 -22.45
C GLN A 245 1.65 3.18 -21.60
N PRO A 246 1.86 4.12 -20.67
CA PRO A 246 0.74 4.61 -19.86
C PRO A 246 -0.49 5.01 -20.67
N ILE A 247 -0.37 5.70 -21.80
CA ILE A 247 -1.60 6.13 -22.48
C ILE A 247 -2.44 4.94 -22.92
N GLN A 248 -1.81 3.83 -23.30
CA GLN A 248 -2.56 2.64 -23.68
C GLN A 248 -3.21 1.99 -22.48
N ILE A 249 -2.54 2.04 -21.34
CA ILE A 249 -3.11 1.52 -20.11
C ILE A 249 -4.37 2.30 -19.76
N TYR A 250 -4.28 3.63 -19.83
CA TYR A 250 -5.42 4.47 -19.48
C TYR A 250 -6.64 4.17 -20.35
N GLU A 251 -6.43 3.99 -21.66
CA GLU A 251 -7.54 3.65 -22.55
C GLU A 251 -8.23 2.35 -22.14
N LYS A 252 -7.47 1.35 -21.73
CA LYS A 252 -8.07 0.08 -21.33
C LYS A 252 -8.87 0.25 -20.03
N ILE A 253 -8.34 1.02 -19.11
CA ILE A 253 -9.00 1.22 -17.82
C ILE A 253 -10.39 1.84 -18.02
N VAL A 254 -10.45 2.89 -18.83
N VAL A 254 -10.47 2.90 -18.83
CA VAL A 254 -11.68 3.63 -18.99
CA VAL A 254 -11.75 3.60 -18.92
C VAL A 254 -12.72 2.82 -19.76
C VAL A 254 -12.72 2.96 -19.91
N SER A 255 -12.27 1.95 -20.66
CA SER A 255 -13.20 1.16 -21.48
C SER A 255 -14.31 0.42 -20.68
N GLY A 256 -14.06 0.01 -19.44
CA GLY A 256 -15.02 -0.84 -18.78
C GLY A 256 -15.03 -2.29 -19.23
N LYS A 257 -13.91 -2.77 -19.78
N LYS A 257 -13.87 -2.84 -19.62
CA LYS A 257 -13.73 -4.16 -20.19
CA LYS A 257 -13.80 -4.19 -20.24
C LYS A 257 -12.67 -4.78 -19.30
C LYS A 257 -12.63 -4.99 -19.68
N VAL A 258 -12.91 -6.00 -18.85
CA VAL A 258 -11.89 -6.84 -18.24
C VAL A 258 -12.12 -8.29 -18.69
N ARG A 259 -11.01 -8.95 -18.99
CA ARG A 259 -10.96 -10.35 -19.32
C ARG A 259 -10.18 -11.07 -18.25
N PHE A 260 -10.59 -12.30 -17.96
CA PHE A 260 -10.01 -13.09 -16.88
C PHE A 260 -9.36 -14.37 -17.38
N PRO A 261 -8.26 -14.79 -16.75
CA PRO A 261 -7.71 -16.12 -17.08
C PRO A 261 -8.72 -17.22 -16.86
N SER A 262 -8.60 -18.29 -17.67
CA SER A 262 -9.54 -19.39 -17.56
C SER A 262 -9.42 -20.14 -16.25
N HIS A 263 -8.33 -19.99 -15.51
CA HIS A 263 -8.20 -20.66 -14.23
C HIS A 263 -8.79 -19.88 -13.06
N PHE A 264 -9.23 -18.64 -13.27
CA PHE A 264 -9.90 -17.92 -12.17
C PHE A 264 -11.23 -18.61 -11.83
N SER A 265 -11.48 -18.80 -10.54
CA SER A 265 -12.77 -19.28 -10.08
C SER A 265 -13.85 -18.26 -10.40
N SER A 266 -15.09 -18.76 -10.53
N SER A 266 -15.08 -18.76 -10.51
CA SER A 266 -16.19 -17.84 -10.74
CA SER A 266 -16.21 -17.87 -10.73
C SER A 266 -16.41 -16.91 -9.56
C SER A 266 -16.45 -16.94 -9.55
N ASP A 267 -16.18 -17.39 -8.33
CA ASP A 267 -16.28 -16.49 -7.17
C ASP A 267 -15.28 -15.34 -7.29
N LEU A 268 -14.05 -15.65 -7.72
CA LEU A 268 -13.06 -14.59 -7.89
C LEU A 268 -13.51 -13.60 -8.96
N LYS A 269 -13.97 -14.11 -10.12
CA LYS A 269 -14.39 -13.21 -11.18
C LYS A 269 -15.52 -12.31 -10.72
N ASP A 270 -16.48 -12.87 -9.95
CA ASP A 270 -17.58 -12.05 -9.47
C ASP A 270 -17.09 -10.91 -8.58
N LEU A 271 -16.22 -11.23 -7.62
CA LEU A 271 -15.64 -10.20 -6.76
C LEU A 271 -14.94 -9.13 -7.60
N LEU A 272 -14.11 -9.58 -8.56
CA LEU A 272 -13.35 -8.62 -9.35
C LEU A 272 -14.23 -7.77 -10.24
N ARG A 273 -15.32 -8.32 -10.80
CA ARG A 273 -16.21 -7.47 -11.60
C ARG A 273 -16.88 -6.39 -10.75
N ASN A 274 -17.06 -6.65 -9.45
CA ASN A 274 -17.67 -5.67 -8.56
C ASN A 274 -16.67 -4.67 -7.98
N LEU A 275 -15.36 -4.99 -7.96
CA LEU A 275 -14.33 -4.02 -7.56
C LEU A 275 -13.90 -3.17 -8.76
N LEU A 276 -13.68 -3.83 -9.90
CA LEU A 276 -13.26 -3.17 -11.14
C LEU A 276 -14.47 -2.67 -11.90
N GLN A 277 -15.29 -1.93 -11.17
CA GLN A 277 -16.57 -1.41 -11.61
C GLN A 277 -16.40 0.09 -11.86
N VAL A 278 -16.60 0.49 -13.13
N VAL A 278 -16.62 0.49 -13.11
CA VAL A 278 -16.44 1.91 -13.46
CA VAL A 278 -16.43 1.90 -13.47
C VAL A 278 -17.52 2.74 -12.79
C VAL A 278 -17.54 2.76 -12.89
N ASP A 279 -18.73 2.20 -12.69
CA ASP A 279 -19.88 2.93 -12.14
C ASP A 279 -19.74 2.99 -10.62
N LEU A 280 -19.51 4.19 -10.10
CA LEU A 280 -19.31 4.35 -8.65
C LEU A 280 -20.54 4.02 -7.84
N THR A 281 -21.74 4.09 -8.43
CA THR A 281 -22.94 3.69 -7.71
C THR A 281 -23.05 2.18 -7.56
N LYS A 282 -22.12 1.42 -8.20
CA LYS A 282 -22.15 -0.03 -8.16
C LYS A 282 -20.87 -0.65 -7.62
N ARG A 283 -19.84 0.13 -7.33
CA ARG A 283 -18.56 -0.46 -6.96
C ARG A 283 -18.55 -0.91 -5.51
N PHE A 284 -18.15 -2.15 -5.29
CA PHE A 284 -18.05 -2.65 -3.94
C PHE A 284 -17.04 -1.83 -3.16
N GLY A 285 -17.38 -1.63 -1.88
CA GLY A 285 -16.64 -0.75 -1.02
C GLY A 285 -17.25 0.62 -0.96
N ASN A 286 -18.05 0.98 -1.97
CA ASN A 286 -18.62 2.30 -2.12
C ASN A 286 -20.12 2.32 -1.96
N LEU A 287 -20.73 1.23 -1.52
CA LEU A 287 -22.18 1.15 -1.41
C LEU A 287 -22.63 1.35 0.04
N LYS A 288 -23.94 1.23 0.25
CA LYS A 288 -24.46 1.50 1.58
C LYS A 288 -23.86 0.58 2.63
N ASN A 289 -23.52 -0.66 2.27
N ASN A 289 -23.54 -0.66 2.26
CA ASN A 289 -22.94 -1.56 3.26
CA ASN A 289 -22.96 -1.63 3.19
C ASN A 289 -21.42 -1.50 3.29
C ASN A 289 -21.44 -1.50 3.29
N GLY A 290 -20.82 -0.56 2.57
CA GLY A 290 -19.40 -0.29 2.71
C GLY A 290 -18.51 -1.51 2.51
N VAL A 291 -17.52 -1.64 3.39
CA VAL A 291 -16.55 -2.72 3.26
C VAL A 291 -17.19 -4.09 3.47
N ASN A 292 -18.39 -4.15 4.06
CA ASN A 292 -18.96 -5.46 4.33
C ASN A 292 -19.40 -6.17 3.05
N ASP A 293 -19.66 -5.45 1.97
CA ASP A 293 -19.93 -6.13 0.71
C ASP A 293 -18.72 -6.93 0.26
N ILE A 294 -17.53 -6.46 0.60
CA ILE A 294 -16.32 -7.18 0.28
C ILE A 294 -16.09 -8.31 1.27
N LYS A 295 -16.15 -8.01 2.56
CA LYS A 295 -15.80 -9.00 3.57
C LYS A 295 -16.78 -10.17 3.55
N ASN A 296 -18.03 -9.93 3.14
CA ASN A 296 -19.04 -10.98 3.11
C ASN A 296 -19.20 -11.63 1.73
N HIS A 297 -18.34 -11.29 0.78
CA HIS A 297 -18.40 -11.91 -0.52
C HIS A 297 -18.01 -13.39 -0.42
N LYS A 298 -18.60 -14.19 -1.29
CA LYS A 298 -18.30 -15.63 -1.30
C LYS A 298 -16.82 -15.95 -1.42
N TRP A 299 -16.06 -15.17 -2.21
CA TRP A 299 -14.65 -15.50 -2.34
C TRP A 299 -13.92 -15.45 -1.01
N PHE A 300 -14.44 -14.67 -0.06
CA PHE A 300 -13.85 -14.55 1.27
C PHE A 300 -14.55 -15.40 2.31
N ALA A 301 -15.38 -16.37 1.89
CA ALA A 301 -16.18 -17.13 2.87
C ALA A 301 -15.31 -17.88 3.88
N THR A 302 -14.12 -18.34 3.48
CA THR A 302 -13.24 -19.09 4.38
C THR A 302 -12.35 -18.20 5.23
N THR A 303 -12.45 -16.88 5.06
CA THR A 303 -11.58 -15.95 5.76
C THR A 303 -12.12 -15.66 7.15
N ASP A 304 -11.29 -15.87 8.13
CA ASP A 304 -11.58 -15.52 9.51
C ASP A 304 -10.95 -14.15 9.72
N TRP A 305 -11.78 -13.11 9.54
CA TRP A 305 -11.29 -11.75 9.56
C TRP A 305 -10.58 -11.40 10.85
N ILE A 306 -11.17 -11.82 12.00
CA ILE A 306 -10.55 -11.49 13.27
C ILE A 306 -9.22 -12.24 13.41
N ALA A 307 -9.18 -13.51 12.95
CA ALA A 307 -7.95 -14.28 13.04
C ALA A 307 -6.82 -13.73 12.17
N ILE A 308 -7.15 -13.17 11.00
CA ILE A 308 -6.17 -12.46 10.20
C ILE A 308 -5.62 -11.27 10.96
N TYR A 309 -6.51 -10.45 11.53
CA TYR A 309 -6.08 -9.26 12.26
C TYR A 309 -5.15 -9.64 13.40
N GLN A 310 -5.51 -10.71 14.12
CA GLN A 310 -4.74 -11.16 15.25
C GLN A 310 -3.53 -11.96 14.82
N ARG A 311 -3.32 -12.15 13.51
CA ARG A 311 -2.17 -12.88 12.98
C ARG A 311 -2.14 -14.34 13.43
N LYS A 312 -3.31 -14.96 13.59
CA LYS A 312 -3.43 -16.35 14.03
C LYS A 312 -3.43 -17.34 12.87
N VAL A 313 -3.55 -16.86 11.62
CA VAL A 313 -3.68 -17.73 10.45
C VAL A 313 -2.28 -18.08 9.94
N GLU A 314 -2.09 -19.34 9.59
CA GLU A 314 -0.82 -19.77 9.02
C GLU A 314 -0.59 -19.14 7.66
N ALA A 315 0.59 -18.55 7.47
CA ALA A 315 0.88 -17.85 6.21
C ALA A 315 1.28 -18.82 5.10
N PRO A 316 1.09 -18.38 3.84
CA PRO A 316 1.46 -19.18 2.67
C PRO A 316 2.92 -19.52 2.61
N PHE A 317 3.76 -18.57 2.98
CA PHE A 317 5.16 -18.89 3.15
C PHE A 317 5.82 -17.84 4.02
N ILE A 318 6.95 -18.27 4.55
CA ILE A 318 7.79 -17.54 5.48
C ILE A 318 9.08 -17.25 4.74
N PRO A 319 9.44 -16.01 4.48
CA PRO A 319 10.72 -15.74 3.83
C PRO A 319 11.89 -16.29 4.62
N LYS A 320 12.93 -16.71 3.89
CA LYS A 320 14.16 -17.15 4.54
C LYS A 320 14.90 -15.93 5.08
N PHE A 321 15.53 -16.09 6.23
CA PHE A 321 16.24 -14.99 6.87
C PHE A 321 17.45 -15.58 7.56
N LYS A 322 18.62 -15.01 7.31
CA LYS A 322 19.86 -15.55 7.86
C LYS A 322 20.30 -14.84 9.13
N GLY A 323 19.63 -13.73 9.48
CA GLY A 323 19.95 -13.01 10.69
C GLY A 323 19.69 -11.54 10.50
N PRO A 324 19.91 -10.74 11.54
CA PRO A 324 19.68 -9.31 11.41
C PRO A 324 20.46 -8.73 10.24
N GLY A 325 19.83 -7.79 9.55
CA GLY A 325 20.48 -7.10 8.46
C GLY A 325 20.63 -7.88 7.18
N ASP A 326 20.09 -9.09 7.12
CA ASP A 326 20.04 -9.87 5.88
C ASP A 326 19.29 -9.10 4.80
N THR A 327 19.91 -8.93 3.62
CA THR A 327 19.25 -8.28 2.50
C THR A 327 19.01 -9.26 1.33
N SER A 328 19.09 -10.56 1.58
N SER A 328 19.10 -10.56 1.57
CA SER A 328 19.02 -11.56 0.51
CA SER A 328 19.02 -11.51 0.46
C SER A 328 17.68 -11.57 -0.23
C SER A 328 17.71 -11.40 -0.32
N ASN A 329 16.62 -11.03 0.34
CA ASN A 329 15.31 -11.03 -0.31
C ASN A 329 15.05 -9.77 -1.11
N PHE A 330 16.06 -8.90 -1.28
CA PHE A 330 15.92 -7.69 -2.06
C PHE A 330 16.85 -7.73 -3.26
N ASP A 331 16.43 -7.04 -4.30
CA ASP A 331 17.24 -6.88 -5.51
C ASP A 331 18.34 -5.85 -5.24
N ASP A 332 19.32 -5.81 -6.14
CA ASP A 332 20.45 -4.91 -6.02
C ASP A 332 20.21 -3.64 -6.85
N TYR A 333 20.77 -2.53 -6.36
CA TYR A 333 20.64 -1.22 -6.99
C TYR A 333 22.00 -0.55 -6.98
N GLU A 334 22.17 0.36 -7.93
CA GLU A 334 23.37 1.20 -7.95
C GLU A 334 23.44 2.02 -6.68
N GLU A 335 24.62 2.08 -6.07
CA GLU A 335 24.81 2.86 -4.86
C GLU A 335 25.34 4.24 -5.23
N GLU A 336 24.76 5.27 -4.62
CA GLU A 336 25.19 6.65 -4.85
C GLU A 336 25.38 7.30 -3.49
N GLU A 337 26.50 8.00 -3.32
CA GLU A 337 26.86 8.52 -2.01
C GLU A 337 25.89 9.62 -1.60
N ILE A 338 25.59 9.68 -0.31
CA ILE A 338 24.72 10.72 0.25
C ILE A 338 25.58 11.96 0.48
N ARG A 339 25.33 13.02 -0.29
CA ARG A 339 26.06 14.28 -0.14
C ARG A 339 25.17 15.31 0.52
N VAL A 340 25.66 15.91 1.60
CA VAL A 340 24.94 16.97 2.31
C VAL A 340 25.61 18.33 2.05
N ILE A 342 26.58 22.32 2.19
CA ILE A 342 26.89 23.19 3.31
C ILE A 342 25.83 24.29 3.45
N ASN A 343 24.98 24.43 2.44
CA ASN A 343 23.92 25.43 2.43
C ASN A 343 22.55 24.76 2.51
N GLU A 344 21.68 25.29 3.36
CA GLU A 344 20.33 24.74 3.50
C GLU A 344 19.55 24.93 2.20
N LYS A 345 18.90 23.87 1.74
CA LYS A 345 18.12 23.94 0.52
C LYS A 345 16.64 23.83 0.86
N CYS A 346 15.83 24.66 0.20
CA CYS A 346 14.37 24.52 0.26
C CYS A 346 13.86 24.54 1.69
N GLY A 347 14.47 25.39 2.53
CA GLY A 347 14.14 25.39 3.94
C GLY A 347 12.68 25.75 4.20
N LYS A 348 12.15 26.72 3.46
CA LYS A 348 10.80 27.20 3.73
C LYS A 348 9.73 26.22 3.23
N GLU A 349 9.98 25.57 2.08
CA GLU A 349 9.04 24.59 1.56
C GLU A 349 8.86 23.40 2.51
N PHE A 350 9.81 23.15 3.42
CA PHE A 350 9.76 21.96 4.26
C PHE A 350 9.81 22.28 5.75
N THR A 351 9.41 23.49 6.13
CA THR A 351 9.41 23.90 7.53
C THR A 351 8.67 22.92 8.43
N GLU A 352 7.51 22.43 7.98
CA GLU A 352 6.66 21.58 8.82
C GLU A 352 7.20 20.17 8.97
N PHE A 353 8.24 19.79 8.24
CA PHE A 353 8.70 18.40 8.25
C PHE A 353 9.55 18.09 9.47
N ALA B 3 1.59 -7.87 -24.37
CA ALA B 3 2.78 -7.12 -23.98
C ALA B 3 2.40 -6.05 -22.95
N GLY B 4 3.13 -6.02 -21.85
CA GLY B 4 2.93 -4.98 -20.85
C GLY B 4 4.16 -4.85 -19.98
N ARG B 5 4.06 -4.00 -18.98
CA ARG B 5 5.25 -3.67 -18.18
C ARG B 5 5.45 -4.72 -17.12
N THR B 6 6.63 -5.36 -17.10
CA THR B 6 6.88 -6.42 -16.13
C THR B 6 7.81 -6.02 -15.00
N GLY B 7 8.53 -4.91 -15.14
CA GLY B 7 9.40 -4.45 -14.10
C GLY B 7 8.68 -3.54 -13.08
N ARG B 8 9.45 -3.05 -12.11
CA ARG B 8 8.85 -2.20 -11.11
C ARG B 8 8.29 -0.94 -11.77
N ARG B 9 7.12 -0.52 -11.29
CA ARG B 9 6.38 0.58 -11.87
C ARG B 9 6.46 1.83 -10.98
N GLN B 10 6.85 2.94 -11.57
CA GLN B 10 6.94 4.23 -10.90
C GLN B 10 5.58 4.89 -10.75
N ALA B 11 5.29 5.38 -9.57
CA ALA B 11 4.09 6.17 -9.39
C ALA B 11 4.36 7.58 -9.87
N ILE B 12 3.32 8.22 -10.37
CA ILE B 12 3.44 9.57 -10.91
C ILE B 12 2.69 10.53 -10.00
N HIS B 13 3.36 11.59 -9.53
CA HIS B 13 2.76 12.55 -8.59
C HIS B 13 1.80 13.53 -9.26
N ASP B 14 1.95 13.75 -10.56
CA ASP B 14 1.11 14.68 -11.30
C ASP B 14 1.14 14.19 -12.74
N ILE B 15 0.14 13.43 -13.13
CA ILE B 15 -0.01 13.12 -14.54
C ILE B 15 -0.67 14.34 -15.16
#